data_1J9C
#
_entry.id   1J9C
#
_cell.length_a   77.038
_cell.length_b   68.302
_cell.length_c   78.438
_cell.angle_alpha   90.00
_cell.angle_beta   92.12
_cell.angle_gamma   90.00
#
_symmetry.space_group_name_H-M   'P 1 21 1'
#
loop_
_entity.id
_entity.type
_entity.pdbx_description
1 polymer 'Tissue factor'
2 polymer 'factor VIIa light chain'
3 polymer 'factor VIIa heavy chain'
4 non-polymer alpha-D-glucopyranose
5 non-polymer beta-L-fucopyranose
6 non-polymer D-phenylalanyl-N-[(2S,3S)-6-{[amino(iminio)methyl]amino}-1-chloro-2-hydroxyhexan-3-yl]-L-phenylalaninamide
7 non-polymer 2-acetamido-2-deoxy-beta-D-glucopyranose
8 non-polymer 'CALCIUM ION'
9 water water
#
loop_
_entity_poly.entity_id
_entity_poly.type
_entity_poly.pdbx_seq_one_letter_code
_entity_poly.pdbx_strand_id
1 'polypeptide(L)'
;SGTTNTVAAYNLTWKSTNFKTILEWEPKPVNQVYTVQISTKSGDWKSKCFYTTDTECDLTDEIVKDVKQTYLARVFSYPA
GNVESTGSAGEPLYENSPEFTPYLETNLGQPTIQSFEQVGTKVNVTVEDERTLVRRNNTFLSLRDVFGKDLIYTLYYWKS
SSSGKKTAKTNTNEFLIDVDKGENYCFSVQAVIPSRTVNRKSTDSPVECM
;
T
2 'polypeptide(L)'
;DQCASSPCQNGGSCKDQLQSYICFCLPAFEGRNCETHKDDQLICVNENGGCEQYCSDHTGTKRSCRCHEGYSLLADGVSC
TPTVEYPCGKIPILE
;
L
3 'polypeptide(L)'
;IVGGKVCPKGECPWQVLLLVNGAQLCGGTLINTIWVVSAAHCFDKIKNWRNLIAVLGEHDLSEHDGDEQSRRVAQVIIPS
TYVPGTTNHDIALLRLHQPVVLTDHVVPLCLPERTFSERTLAFVRFSLVSGWGQLLDRGATALELMVLNVPRLMTQDCLQ
QSRKVGDSPNITEYMFCAGYSDGSKDSCKGDSGGPHATHYRGTWYLTGIVSWGQGCATVGHFGVYTRVSQYIEWLQKLMR
SEPRPGVLLRAPFP
;
H
#
# COMPACT_ATOMS: atom_id res chain seq x y z
N SER A 1 -6.85 5.01 19.98
CA SER A 1 -6.07 5.69 21.06
C SER A 1 -4.83 4.87 21.43
N GLY A 2 -4.97 3.97 22.40
CA GLY A 2 -3.82 3.20 22.87
C GLY A 2 -2.82 4.32 23.14
N THR A 3 -3.31 5.36 23.80
CA THR A 3 -2.57 6.58 24.09
C THR A 3 -1.82 6.72 25.43
N THR A 4 -0.95 7.72 25.46
CA THR A 4 -0.15 8.13 26.62
C THR A 4 0.11 9.60 26.30
N ASN A 5 0.06 9.90 25.00
CA ASN A 5 0.25 11.24 24.47
C ASN A 5 -0.41 11.29 23.07
N THR A 6 -0.05 10.33 22.21
CA THR A 6 -0.63 10.26 20.87
C THR A 6 -1.95 9.51 20.86
N VAL A 7 -3.00 10.17 20.38
CA VAL A 7 -4.31 9.55 20.31
C VAL A 7 -4.59 9.05 18.91
N ALA A 8 -5.32 7.95 18.80
CA ALA A 8 -5.63 7.38 17.49
C ALA A 8 -6.86 8.00 16.87
N ALA A 9 -6.82 8.23 15.56
CA ALA A 9 -7.98 8.81 14.90
C ALA A 9 -9.14 7.86 15.06
N TYR A 10 -10.34 8.39 14.97
CA TYR A 10 -11.52 7.55 15.08
C TYR A 10 -12.68 8.16 14.30
N ASN A 11 -13.75 7.39 14.11
CA ASN A 11 -14.89 7.90 13.39
C ASN A 11 -14.53 8.34 11.98
N LEU A 12 -13.58 7.66 11.37
CA LEU A 12 -13.22 8.01 10.01
C LEU A 12 -14.44 7.80 9.12
N THR A 13 -14.95 8.87 8.52
CA THR A 13 -16.09 8.73 7.62
C THR A 13 -15.82 9.44 6.30
N TRP A 14 -16.34 8.88 5.21
CA TRP A 14 -16.17 9.46 3.88
C TRP A 14 -17.28 10.46 3.60
N LYS A 15 -16.91 11.63 3.09
CA LYS A 15 -17.86 12.66 2.72
C LYS A 15 -17.69 12.82 1.24
N SER A 16 -18.56 12.19 0.46
CA SER A 16 -18.43 12.25 -0.98
C SER A 16 -19.68 12.62 -1.79
N THR A 17 -19.57 13.69 -2.58
CA THR A 17 -20.66 14.15 -3.43
C THR A 17 -20.10 14.43 -4.81
N ASN A 18 -20.75 13.88 -5.82
CA ASN A 18 -20.26 14.06 -7.18
C ASN A 18 -18.79 13.73 -7.26
N PHE A 19 -18.44 12.66 -6.55
CA PHE A 19 -17.08 12.12 -6.48
C PHE A 19 -16.08 12.98 -5.72
N LYS A 20 -16.46 14.22 -5.44
CA LYS A 20 -15.59 15.08 -4.65
C LYS A 20 -15.61 14.27 -3.35
N THR A 21 -14.49 13.64 -3.04
CA THR A 21 -14.41 12.79 -1.86
C THR A 21 -13.46 13.30 -0.79
N ILE A 22 -14.00 13.56 0.39
CA ILE A 22 -13.20 14.05 1.49
C ILE A 22 -13.36 13.12 2.68
N LEU A 23 -12.25 12.65 3.22
CA LEU A 23 -12.31 11.78 4.38
C LEU A 23 -12.28 12.78 5.53
N GLU A 24 -13.10 12.53 6.55
CA GLU A 24 -13.13 13.40 7.72
C GLU A 24 -12.92 12.50 8.93
N TRP A 25 -12.58 13.08 10.08
CA TRP A 25 -12.34 12.25 11.27
C TRP A 25 -12.18 13.03 12.57
N GLU A 26 -12.03 12.28 13.66
CA GLU A 26 -11.85 12.82 14.99
C GLU A 26 -10.50 12.35 15.50
N PRO A 27 -9.90 13.07 16.47
CA PRO A 27 -10.43 14.27 17.12
C PRO A 27 -9.65 15.50 16.67
N LYS A 28 -10.15 16.67 17.05
CA LYS A 28 -9.48 17.93 16.72
C LYS A 28 -8.09 17.74 17.31
N PRO A 29 -7.05 17.74 16.46
CA PRO A 29 -5.66 17.56 16.86
C PRO A 29 -5.17 18.40 18.04
N VAL A 30 -4.56 17.72 19.01
CA VAL A 30 -4.02 18.36 20.21
C VAL A 30 -2.61 17.83 20.46
N ASN A 31 -1.60 18.62 20.08
CA ASN A 31 -0.19 18.24 20.26
C ASN A 31 0.20 17.09 19.35
N GLN A 32 -0.55 16.90 18.27
CA GLN A 32 -0.25 15.83 17.33
C GLN A 32 -0.77 16.13 15.94
N VAL A 33 -0.10 15.57 14.95
CA VAL A 33 -0.48 15.77 13.56
C VAL A 33 -0.93 14.46 12.95
N TYR A 34 -1.64 14.55 11.84
CA TYR A 34 -2.13 13.38 11.14
C TYR A 34 -1.62 13.31 9.71
N THR A 35 -1.53 12.09 9.20
CA THR A 35 -1.12 11.85 7.83
C THR A 35 -2.10 10.81 7.33
N VAL A 36 -2.68 11.07 6.17
CA VAL A 36 -3.65 10.15 5.60
C VAL A 36 -2.94 9.31 4.59
N GLN A 37 -3.33 8.04 4.51
CA GLN A 37 -2.76 7.11 3.56
C GLN A 37 -3.94 6.39 2.88
N ILE A 38 -3.84 6.17 1.59
CA ILE A 38 -4.91 5.52 0.87
C ILE A 38 -4.37 4.44 -0.07
N SER A 39 -5.23 3.47 -0.37
CA SER A 39 -4.82 2.38 -1.25
C SER A 39 -6.01 1.62 -1.79
N THR A 40 -5.71 0.57 -2.54
CA THR A 40 -6.75 -0.28 -3.10
C THR A 40 -6.46 -1.64 -2.53
N LYS A 41 -7.47 -2.51 -2.46
CA LYS A 41 -7.27 -3.84 -1.92
C LYS A 41 -5.86 -4.41 -2.21
N SER A 42 -5.42 -4.37 -3.47
CA SER A 42 -4.12 -4.92 -3.81
C SER A 42 -3.08 -3.94 -4.36
N GLY A 43 -3.24 -2.67 -4.05
CA GLY A 43 -2.29 -1.68 -4.53
C GLY A 43 -1.40 -1.15 -3.44
N ASP A 44 -0.36 -0.42 -3.81
CA ASP A 44 0.53 0.15 -2.82
C ASP A 44 -0.22 1.31 -2.15
N TRP A 45 0.22 1.71 -0.96
CA TRP A 45 -0.43 2.82 -0.25
C TRP A 45 0.19 4.13 -0.68
N LYS A 46 -0.64 5.14 -0.85
CA LYS A 46 -0.15 6.47 -1.23
C LYS A 46 -0.46 7.39 -0.04
N SER A 47 0.49 8.21 0.38
CA SER A 47 0.20 9.07 1.51
C SER A 47 -0.38 10.38 1.00
N LYS A 48 -1.22 11.01 1.81
CA LYS A 48 -1.83 12.29 1.46
C LYS A 48 -1.88 13.12 2.74
N CYS A 49 -2.28 14.38 2.60
CA CYS A 49 -2.41 15.30 3.73
C CYS A 49 -1.30 15.13 4.80
N PHE A 50 -0.06 15.32 4.38
CA PHE A 50 1.11 15.17 5.23
C PHE A 50 1.10 16.04 6.48
N TYR A 51 1.45 15.43 7.60
CA TYR A 51 1.51 16.07 8.92
C TYR A 51 0.58 17.25 9.15
N THR A 52 -0.70 17.02 8.95
CA THR A 52 -1.71 18.05 9.12
C THR A 52 -2.36 18.04 10.49
N THR A 53 -2.90 19.18 10.92
CA THR A 53 -3.58 19.28 12.20
C THR A 53 -5.03 19.42 11.87
N ASP A 54 -5.45 18.75 10.81
CA ASP A 54 -6.83 18.81 10.39
C ASP A 54 -7.57 17.54 10.74
N THR A 55 -8.87 17.57 10.55
CA THR A 55 -9.65 16.41 10.84
C THR A 55 -10.38 16.02 9.56
N GLU A 56 -9.77 16.37 8.43
CA GLU A 56 -10.31 16.04 7.12
C GLU A 56 -9.14 15.87 6.16
N CYS A 57 -9.41 15.29 5.00
CA CYS A 57 -8.37 15.09 3.98
C CYS A 57 -9.07 14.85 2.66
N ASP A 58 -8.72 15.65 1.66
CA ASP A 58 -9.32 15.48 0.36
C ASP A 58 -8.61 14.36 -0.38
N LEU A 59 -9.38 13.40 -0.87
CA LEU A 59 -8.81 12.26 -1.59
C LEU A 59 -9.38 12.13 -3.01
N THR A 60 -10.03 13.19 -3.48
CA THR A 60 -10.64 13.20 -4.81
C THR A 60 -9.74 12.65 -5.91
N ASP A 61 -8.57 13.27 -6.06
CA ASP A 61 -7.61 12.89 -7.10
C ASP A 61 -7.24 11.43 -7.13
N GLU A 62 -7.31 10.76 -5.99
CA GLU A 62 -6.96 9.35 -5.96
C GLU A 62 -8.17 8.50 -6.31
N ILE A 63 -9.33 8.86 -5.76
CA ILE A 63 -10.52 8.06 -6.01
C ILE A 63 -11.10 8.15 -7.41
N VAL A 64 -11.06 9.32 -8.05
CA VAL A 64 -11.61 9.42 -9.39
C VAL A 64 -10.71 8.74 -10.42
N LYS A 65 -9.50 8.35 -10.02
CA LYS A 65 -8.61 7.67 -10.96
C LYS A 65 -9.25 6.37 -11.42
N ASP A 66 -10.18 5.86 -10.62
CA ASP A 66 -10.89 4.61 -10.93
C ASP A 66 -12.06 4.44 -9.96
N VAL A 67 -13.09 5.26 -10.10
CA VAL A 67 -14.25 5.21 -9.22
C VAL A 67 -14.91 3.84 -9.19
N LYS A 68 -14.35 2.88 -9.91
CA LYS A 68 -14.89 1.53 -9.96
C LYS A 68 -14.28 0.69 -8.85
N GLN A 69 -13.02 0.97 -8.53
CA GLN A 69 -12.30 0.25 -7.49
C GLN A 69 -12.82 0.59 -6.09
N THR A 70 -12.53 -0.29 -5.15
CA THR A 70 -12.93 -0.08 -3.78
C THR A 70 -11.68 0.40 -3.08
N TYR A 71 -11.78 1.54 -2.40
CA TYR A 71 -10.63 2.10 -1.70
C TYR A 71 -10.74 1.99 -0.21
N LEU A 72 -9.61 1.67 0.43
CA LEU A 72 -9.57 1.61 1.88
C LEU A 72 -8.61 2.73 2.22
N ALA A 73 -8.88 3.46 3.28
CA ALA A 73 -8.00 4.55 3.69
C ALA A 73 -7.69 4.43 5.17
N ARG A 74 -6.61 5.06 5.61
CA ARG A 74 -6.27 5.06 7.03
C ARG A 74 -5.50 6.30 7.41
N VAL A 75 -5.75 6.78 8.63
CA VAL A 75 -5.11 7.98 9.15
C VAL A 75 -4.10 7.59 10.20
N PHE A 76 -2.93 8.25 10.17
CA PHE A 76 -1.82 8.03 11.10
C PHE A 76 -1.74 9.20 12.11
N SER A 77 -1.19 8.93 13.31
CA SER A 77 -1.04 9.95 14.35
C SER A 77 0.42 10.11 14.76
N TYR A 78 0.84 11.35 15.01
CA TYR A 78 2.23 11.61 15.41
C TYR A 78 2.29 12.76 16.40
N PRO A 79 3.04 12.61 17.50
CA PRO A 79 3.06 13.76 18.40
C PRO A 79 3.71 14.89 17.61
N ALA A 80 3.16 16.10 17.72
CA ALA A 80 3.67 17.25 16.98
C ALA A 80 5.18 17.45 17.15
N GLY A 81 5.74 16.91 18.22
CA GLY A 81 7.17 17.03 18.46
C GLY A 81 8.00 16.43 17.33
N ASN A 82 7.68 15.19 16.95
CA ASN A 82 8.40 14.53 15.87
C ASN A 82 7.40 13.77 14.99
N VAL A 83 7.53 13.96 13.69
CA VAL A 83 6.64 13.30 12.74
C VAL A 83 7.10 11.88 12.43
N GLU A 84 7.84 11.29 13.36
CA GLU A 84 8.33 9.93 13.18
C GLU A 84 8.55 9.25 14.52
N SER A 85 7.46 8.94 15.21
CA SER A 85 7.53 8.29 16.51
C SER A 85 7.30 6.78 16.40
N THR A 86 8.14 6.03 17.11
CA THR A 86 8.05 4.58 17.13
C THR A 86 6.89 4.20 18.04
N GLY A 87 5.86 3.59 17.46
CA GLY A 87 4.73 3.17 18.27
C GLY A 87 5.25 2.12 19.24
N SER A 88 4.69 0.92 19.20
CA SER A 88 5.14 -0.15 20.07
C SER A 88 5.62 -1.28 19.19
N ALA A 89 4.83 -1.60 18.17
CA ALA A 89 5.20 -2.64 17.22
C ALA A 89 6.18 -1.98 16.28
N GLY A 90 6.63 -0.79 16.67
CA GLY A 90 7.59 -0.03 15.90
C GLY A 90 6.99 0.88 14.86
N GLU A 91 5.71 0.68 14.54
CA GLU A 91 5.05 1.49 13.54
C GLU A 91 4.08 2.50 14.12
N PRO A 92 3.76 3.55 13.34
CA PRO A 92 2.85 4.63 13.72
C PRO A 92 1.50 4.14 14.16
N LEU A 93 0.78 4.99 14.88
CA LEU A 93 -0.55 4.63 15.33
C LEU A 93 -1.42 5.16 14.21
N TYR A 94 -2.39 4.36 13.78
CA TYR A 94 -3.28 4.77 12.70
C TYR A 94 -4.60 4.06 12.92
N GLU A 95 -5.60 4.45 12.14
CA GLU A 95 -6.90 3.80 12.19
C GLU A 95 -7.42 3.67 10.76
N ASN A 96 -8.23 2.65 10.52
CA ASN A 96 -8.75 2.40 9.17
C ASN A 96 -10.13 2.99 8.96
N SER A 97 -10.38 3.44 7.74
CA SER A 97 -11.67 4.00 7.41
C SER A 97 -12.54 2.87 6.90
N PRO A 98 -13.78 3.17 6.56
CA PRO A 98 -14.61 2.08 6.05
C PRO A 98 -14.19 1.97 4.60
N GLU A 99 -14.47 0.85 3.94
CA GLU A 99 -14.12 0.70 2.53
C GLU A 99 -14.92 1.73 1.75
N PHE A 100 -14.41 2.16 0.59
CA PHE A 100 -15.13 3.14 -0.20
C PHE A 100 -15.01 2.95 -1.71
N THR A 101 -16.16 2.75 -2.34
CA THR A 101 -16.27 2.57 -3.77
C THR A 101 -17.06 3.76 -4.28
N PRO A 102 -16.37 4.75 -4.84
CA PRO A 102 -17.00 5.96 -5.38
C PRO A 102 -18.27 5.70 -6.16
N TYR A 103 -18.14 4.95 -7.25
CA TYR A 103 -19.27 4.64 -8.12
C TYR A 103 -20.58 4.28 -7.42
N LEU A 104 -20.51 3.52 -6.34
CA LEU A 104 -21.72 3.10 -5.65
C LEU A 104 -22.11 3.93 -4.43
N GLU A 105 -21.23 4.78 -3.94
CA GLU A 105 -21.54 5.53 -2.72
C GLU A 105 -21.56 7.04 -2.76
N THR A 106 -20.71 7.67 -3.56
CA THR A 106 -20.71 9.12 -3.60
C THR A 106 -22.11 9.57 -3.98
N ASN A 107 -22.74 10.35 -3.11
CA ASN A 107 -24.10 10.81 -3.39
C ASN A 107 -24.13 11.77 -4.57
N LEU A 108 -25.25 11.74 -5.30
CA LEU A 108 -25.43 12.61 -6.45
C LEU A 108 -25.88 13.95 -5.91
N GLY A 109 -25.12 15.00 -6.23
CA GLY A 109 -25.48 16.32 -5.75
C GLY A 109 -26.91 16.67 -6.10
N GLN A 110 -27.40 17.79 -5.56
CA GLN A 110 -28.76 18.23 -5.84
C GLN A 110 -28.84 18.62 -7.31
N PRO A 111 -29.71 17.92 -8.07
CA PRO A 111 -29.85 18.24 -9.49
C PRO A 111 -30.34 19.66 -9.69
N THR A 112 -30.31 20.10 -10.93
CA THR A 112 -30.75 21.45 -11.27
C THR A 112 -31.45 21.44 -12.63
N ILE A 113 -32.70 21.91 -12.65
CA ILE A 113 -33.49 21.96 -13.89
C ILE A 113 -32.82 22.87 -14.92
N GLN A 114 -32.16 22.25 -15.90
CA GLN A 114 -31.43 22.95 -16.95
C GLN A 114 -32.27 24.01 -17.66
N SER A 115 -33.24 23.58 -18.46
CA SER A 115 -34.12 24.49 -19.21
C SER A 115 -35.39 23.81 -19.70
N PHE A 116 -36.51 24.07 -19.03
CA PHE A 116 -37.79 23.47 -19.43
C PHE A 116 -38.66 24.46 -20.20
N GLU A 117 -39.25 23.98 -21.30
CA GLU A 117 -40.11 24.81 -22.13
C GLU A 117 -41.44 24.12 -22.43
N GLN A 118 -42.17 24.67 -23.41
CA GLN A 118 -43.47 24.13 -23.79
C GLN A 118 -43.44 23.62 -25.23
N VAL A 119 -43.89 22.39 -25.42
CA VAL A 119 -43.95 21.79 -26.76
C VAL A 119 -45.41 21.66 -27.16
N GLY A 120 -46.29 22.21 -26.32
CA GLY A 120 -47.70 22.16 -26.60
C GLY A 120 -48.57 21.97 -25.37
N THR A 121 -49.37 20.91 -25.40
CA THR A 121 -50.29 20.56 -24.32
C THR A 121 -49.61 19.84 -23.17
N LYS A 122 -48.29 19.90 -23.12
CA LYS A 122 -47.51 19.26 -22.08
C LYS A 122 -46.23 20.05 -21.80
N VAL A 123 -45.54 19.73 -20.72
CA VAL A 123 -44.31 20.43 -20.39
C VAL A 123 -43.06 19.56 -20.52
N ASN A 124 -42.02 20.13 -21.11
CA ASN A 124 -40.75 19.43 -21.31
C ASN A 124 -39.72 19.85 -20.27
N VAL A 125 -39.82 19.26 -19.08
CA VAL A 125 -38.90 19.57 -17.99
C VAL A 125 -37.52 19.00 -18.34
N THR A 126 -36.47 19.77 -18.05
CA THR A 126 -35.11 19.34 -18.35
C THR A 126 -34.17 19.56 -17.16
N VAL A 127 -33.18 18.68 -17.02
CA VAL A 127 -32.22 18.76 -15.93
C VAL A 127 -30.81 18.94 -16.48
N GLU A 128 -30.07 19.84 -15.85
CA GLU A 128 -28.68 20.13 -16.24
C GLU A 128 -27.79 18.93 -15.98
N ASP A 129 -26.99 18.55 -16.96
CA ASP A 129 -26.09 17.41 -16.80
C ASP A 129 -25.02 17.84 -15.80
N GLU A 130 -25.23 17.49 -14.54
CA GLU A 130 -24.31 17.86 -13.46
C GLU A 130 -22.84 17.56 -13.81
N ARG A 131 -21.96 18.39 -13.24
CA ARG A 131 -20.52 18.33 -13.45
C ARG A 131 -19.85 17.61 -12.26
N THR A 132 -19.12 16.53 -12.53
CA THR A 132 -18.45 15.78 -11.45
C THR A 132 -16.95 16.02 -11.39
N LEU A 133 -16.36 15.66 -10.25
CA LEU A 133 -14.92 15.84 -10.04
C LEU A 133 -14.12 14.73 -10.72
N VAL A 134 -14.82 13.74 -11.26
CA VAL A 134 -14.16 12.63 -11.93
C VAL A 134 -13.43 13.19 -13.14
N ARG A 135 -12.26 13.78 -12.90
CA ARG A 135 -11.44 14.35 -13.96
C ARG A 135 -10.93 13.23 -14.87
N ARG A 136 -11.35 13.25 -16.13
CA ARG A 136 -10.91 12.24 -17.09
C ARG A 136 -10.17 12.89 -18.25
N ASN A 137 -8.86 12.71 -18.30
CA ASN A 137 -8.05 13.27 -19.38
C ASN A 137 -8.17 14.79 -19.50
N ASN A 138 -7.71 15.50 -18.48
CA ASN A 138 -7.74 16.97 -18.43
C ASN A 138 -9.15 17.56 -18.31
N THR A 139 -10.14 16.81 -18.77
CA THR A 139 -11.52 17.25 -18.74
C THR A 139 -12.28 16.58 -17.60
N PHE A 140 -13.48 17.09 -17.30
CA PHE A 140 -14.31 16.50 -16.26
C PHE A 140 -15.39 15.64 -16.92
N LEU A 141 -16.23 14.99 -16.13
CA LEU A 141 -17.27 14.13 -16.70
C LEU A 141 -18.62 14.41 -16.06
N SER A 142 -19.67 14.45 -16.87
CA SER A 142 -21.01 14.69 -16.34
C SER A 142 -21.57 13.39 -15.81
N LEU A 143 -22.51 13.49 -14.87
CA LEU A 143 -23.12 12.30 -14.27
C LEU A 143 -23.45 11.29 -15.35
N ARG A 144 -24.08 11.78 -16.41
CA ARG A 144 -24.48 10.94 -17.53
C ARG A 144 -23.27 10.26 -18.17
N ASP A 145 -22.12 10.94 -18.15
CA ASP A 145 -20.90 10.39 -18.72
C ASP A 145 -20.37 9.30 -17.82
N VAL A 146 -20.48 9.52 -16.51
CA VAL A 146 -20.01 8.57 -15.51
C VAL A 146 -20.91 7.34 -15.38
N PHE A 147 -22.10 7.54 -14.83
CA PHE A 147 -23.06 6.46 -14.62
C PHE A 147 -23.72 6.01 -15.91
N GLY A 148 -23.38 6.68 -17.01
CA GLY A 148 -23.93 6.33 -18.31
C GLY A 148 -25.43 6.08 -18.33
N LYS A 149 -25.80 4.81 -18.30
CA LYS A 149 -27.20 4.44 -18.33
C LYS A 149 -27.72 3.92 -16.99
N ASP A 150 -27.00 4.24 -15.91
CA ASP A 150 -27.40 3.81 -14.57
C ASP A 150 -28.12 4.94 -13.84
N LEU A 151 -28.21 6.09 -14.48
CA LEU A 151 -28.86 7.26 -13.89
C LEU A 151 -30.22 7.61 -14.49
N ILE A 152 -31.24 7.57 -13.65
CA ILE A 152 -32.60 7.91 -14.08
C ILE A 152 -32.98 9.15 -13.29
N TYR A 153 -34.26 9.49 -13.26
CA TYR A 153 -34.70 10.69 -12.53
C TYR A 153 -36.14 10.58 -12.05
N THR A 154 -36.57 11.57 -11.27
CA THR A 154 -37.92 11.63 -10.74
C THR A 154 -38.40 13.08 -10.75
N LEU A 155 -39.63 13.28 -11.22
CA LEU A 155 -40.23 14.60 -11.33
C LEU A 155 -41.48 14.75 -10.50
N TYR A 156 -41.37 15.45 -9.37
CA TYR A 156 -42.51 15.69 -8.49
C TYR A 156 -43.11 17.03 -8.92
N TYR A 157 -44.40 17.04 -9.23
CA TYR A 157 -45.02 18.29 -9.65
C TYR A 157 -46.35 18.63 -8.97
N TRP A 158 -46.43 19.88 -8.51
CA TRP A 158 -47.62 20.42 -7.85
C TRP A 158 -48.24 21.38 -8.87
N LYS A 159 -49.57 21.53 -8.86
CA LYS A 159 -50.23 22.44 -9.79
C LYS A 159 -50.66 23.73 -9.08
N SER A 160 -51.20 24.68 -9.84
CA SER A 160 -51.64 25.95 -9.25
C SER A 160 -52.55 25.69 -8.06
N SER A 161 -52.03 25.95 -6.86
CA SER A 161 -52.74 25.72 -5.59
C SER A 161 -52.70 24.22 -5.29
N SER A 162 -52.43 23.44 -6.33
CA SER A 162 -52.33 21.99 -6.26
C SER A 162 -53.42 21.31 -5.44
N SER A 163 -53.25 20.01 -5.23
CA SER A 163 -54.19 19.21 -4.47
C SER A 163 -53.61 17.82 -4.28
N GLY A 164 -52.71 17.45 -5.20
CA GLY A 164 -52.09 16.14 -5.12
C GLY A 164 -50.63 16.19 -5.55
N LYS A 165 -49.88 15.17 -5.15
CA LYS A 165 -48.45 15.08 -5.50
C LYS A 165 -48.24 14.10 -6.66
N LYS A 166 -47.70 14.61 -7.76
CA LYS A 166 -47.48 13.77 -8.93
C LYS A 166 -46.00 13.50 -9.22
N THR A 167 -45.70 12.30 -9.71
CA THR A 167 -44.33 11.89 -10.03
C THR A 167 -44.17 11.35 -11.45
N ALA A 168 -43.00 11.56 -12.05
CA ALA A 168 -42.72 11.09 -13.40
C ALA A 168 -41.23 10.78 -13.53
N LYS A 169 -40.89 9.78 -14.34
CA LYS A 169 -39.48 9.41 -14.51
C LYS A 169 -39.07 9.11 -15.93
N THR A 170 -37.79 9.34 -16.22
CA THR A 170 -37.22 9.09 -17.54
C THR A 170 -35.70 8.91 -17.41
N ASN A 171 -35.19 7.80 -17.93
CA ASN A 171 -33.77 7.50 -17.88
C ASN A 171 -32.98 8.39 -18.82
N THR A 172 -33.69 9.10 -19.70
CA THR A 172 -33.06 9.99 -20.66
C THR A 172 -32.40 11.18 -19.97
N ASN A 173 -33.08 12.32 -20.01
CA ASN A 173 -32.59 13.55 -19.40
C ASN A 173 -33.64 14.61 -19.67
N GLU A 174 -34.81 14.15 -20.13
CA GLU A 174 -35.93 15.03 -20.46
C GLU A 174 -37.25 14.46 -19.96
N PHE A 175 -37.89 15.15 -19.03
CA PHE A 175 -39.18 14.70 -18.53
C PHE A 175 -40.21 15.20 -19.53
N LEU A 176 -41.43 14.66 -19.47
CA LEU A 176 -42.48 15.09 -20.38
C LEU A 176 -43.87 14.70 -19.90
N ILE A 177 -44.33 15.35 -18.83
CA ILE A 177 -45.65 15.08 -18.29
C ILE A 177 -46.69 15.88 -19.06
N ASP A 178 -47.84 15.27 -19.28
CA ASP A 178 -48.92 15.93 -20.00
C ASP A 178 -49.75 16.78 -19.05
N VAL A 179 -49.73 18.09 -19.29
CA VAL A 179 -50.48 19.03 -18.46
C VAL A 179 -51.77 19.43 -19.18
N ASP A 180 -52.67 20.07 -18.44
CA ASP A 180 -53.95 20.51 -18.98
C ASP A 180 -53.75 21.58 -20.05
N LYS A 181 -54.30 22.77 -19.81
CA LYS A 181 -54.18 23.89 -20.76
C LYS A 181 -54.13 25.22 -20.02
N GLY A 182 -54.01 25.16 -18.70
CA GLY A 182 -53.95 26.37 -17.91
C GLY A 182 -53.12 26.17 -16.66
N GLU A 183 -53.81 25.92 -15.54
CA GLU A 183 -53.18 25.70 -14.24
C GLU A 183 -51.67 25.51 -14.30
N ASN A 184 -50.93 26.47 -13.75
CA ASN A 184 -49.47 26.40 -13.74
C ASN A 184 -49.02 25.15 -12.99
N TYR A 185 -47.83 24.66 -13.34
CA TYR A 185 -47.27 23.49 -12.70
C TYR A 185 -45.85 23.75 -12.21
N CYS A 186 -45.46 23.05 -11.14
CA CYS A 186 -44.12 23.19 -10.57
C CYS A 186 -43.32 21.91 -10.81
N PHE A 187 -42.00 22.01 -10.74
CA PHE A 187 -41.15 20.86 -10.98
C PHE A 187 -40.00 20.68 -9.99
N SER A 188 -40.09 19.63 -9.20
CA SER A 188 -39.08 19.29 -8.21
C SER A 188 -38.42 17.97 -8.63
N VAL A 189 -37.20 18.05 -9.13
CA VAL A 189 -36.49 16.86 -9.60
C VAL A 189 -35.46 16.31 -8.61
N GLN A 190 -35.04 15.08 -8.84
CA GLN A 190 -34.04 14.44 -8.00
C GLN A 190 -33.39 13.26 -8.69
N ALA A 191 -32.08 13.35 -8.91
CA ALA A 191 -31.31 12.30 -9.56
C ALA A 191 -31.44 10.99 -8.80
N VAL A 192 -31.50 9.88 -9.54
CA VAL A 192 -31.64 8.56 -8.93
C VAL A 192 -30.88 7.44 -9.61
N ILE A 193 -30.27 6.58 -8.81
CA ILE A 193 -29.55 5.41 -9.30
C ILE A 193 -30.27 4.27 -8.59
N PRO A 194 -31.27 3.69 -9.27
CA PRO A 194 -32.10 2.59 -8.76
C PRO A 194 -31.31 1.30 -8.50
N SER A 195 -30.25 1.10 -9.28
CA SER A 195 -29.42 -0.08 -9.13
C SER A 195 -28.53 0.02 -7.89
N ARG A 196 -28.63 1.13 -7.18
CA ARG A 196 -27.84 1.33 -5.97
C ARG A 196 -28.44 0.62 -4.77
N THR A 197 -27.64 0.50 -3.72
CA THR A 197 -28.05 -0.16 -2.51
C THR A 197 -27.80 0.72 -1.28
N VAL A 198 -27.63 2.02 -1.51
CA VAL A 198 -27.38 2.95 -0.41
C VAL A 198 -27.91 4.36 -0.67
N ASN A 199 -27.16 5.15 -1.43
CA ASN A 199 -27.57 6.51 -1.74
C ASN A 199 -28.21 6.51 -3.13
N ARG A 200 -29.29 5.74 -3.23
CA ARG A 200 -30.06 5.57 -4.44
C ARG A 200 -30.63 6.89 -4.97
N LYS A 201 -31.36 7.60 -4.11
CA LYS A 201 -31.98 8.86 -4.48
C LYS A 201 -31.22 10.04 -3.88
N SER A 202 -31.18 11.16 -4.61
CA SER A 202 -30.50 12.38 -4.15
C SER A 202 -31.45 13.35 -3.44
N THR A 203 -31.24 14.65 -3.68
CA THR A 203 -32.08 15.67 -3.06
C THR A 203 -32.95 16.37 -4.08
N ASP A 204 -34.14 16.76 -3.64
CA ASP A 204 -35.10 17.43 -4.51
C ASP A 204 -34.55 18.74 -5.07
N SER A 205 -34.24 18.75 -6.36
CA SER A 205 -33.74 19.93 -7.05
C SER A 205 -34.62 21.13 -6.75
N PRO A 206 -34.02 22.31 -6.56
CA PRO A 206 -34.88 23.48 -6.28
C PRO A 206 -36.01 23.54 -7.30
N VAL A 207 -37.17 23.96 -6.84
CA VAL A 207 -38.38 24.06 -7.66
C VAL A 207 -38.42 25.18 -8.69
N GLU A 208 -39.09 24.91 -9.81
CA GLU A 208 -39.24 25.87 -10.90
C GLU A 208 -40.61 25.73 -11.59
N CYS A 209 -41.55 26.60 -11.22
CA CYS A 209 -42.90 26.58 -11.77
C CYS A 209 -43.05 27.50 -12.99
N MET A 210 -44.14 28.26 -13.00
CA MET A 210 -44.46 29.20 -14.08
C MET A 210 -44.35 30.66 -13.62
N ASP B 1 -27.67 30.15 -1.04
CA ASP B 1 -26.42 29.99 -1.84
C ASP B 1 -25.33 29.39 -0.97
N GLN B 2 -24.08 29.81 -1.20
CA GLN B 2 -22.96 29.31 -0.43
C GLN B 2 -21.60 29.76 -0.99
N CYS B 3 -21.40 29.58 -2.30
CA CYS B 3 -20.17 29.96 -2.98
C CYS B 3 -19.91 31.47 -2.92
N ALA B 4 -20.71 32.16 -2.12
CA ALA B 4 -20.59 33.60 -1.98
C ALA B 4 -19.16 34.03 -1.68
N SER B 5 -18.70 33.75 -0.47
CA SER B 5 -17.35 34.11 -0.05
C SER B 5 -16.27 33.55 -0.96
N SER B 6 -16.70 32.80 -1.98
CA SER B 6 -15.77 32.20 -2.93
C SER B 6 -14.64 31.47 -2.20
N PRO B 7 -14.99 30.38 -1.48
CA PRO B 7 -14.02 29.58 -0.73
C PRO B 7 -12.96 28.90 -1.61
N CYS B 8 -13.35 28.51 -2.82
CA CYS B 8 -12.44 27.84 -3.74
C CYS B 8 -11.27 28.70 -4.18
N GLN B 9 -10.14 28.50 -3.52
CA GLN B 9 -8.92 29.23 -3.80
C GLN B 9 -8.26 28.83 -5.11
N ASN B 10 -7.05 29.35 -5.30
CA ASN B 10 -6.22 29.08 -6.47
C ASN B 10 -6.97 28.84 -7.78
N GLY B 11 -7.91 29.72 -8.10
CA GLY B 11 -8.65 29.62 -9.34
C GLY B 11 -9.69 28.53 -9.51
N GLY B 12 -9.87 27.70 -8.50
CA GLY B 12 -10.85 26.63 -8.61
C GLY B 12 -12.28 27.16 -8.65
N SER B 13 -13.09 26.58 -9.53
CA SER B 13 -14.50 26.97 -9.67
C SER B 13 -15.22 26.83 -8.33
N CYS B 14 -16.54 26.65 -8.36
CA CYS B 14 -17.33 26.51 -7.14
C CYS B 14 -18.80 26.19 -7.44
N LYS B 15 -19.14 24.91 -7.52
CA LYS B 15 -20.51 24.44 -7.79
C LYS B 15 -21.17 24.08 -6.46
N ASP B 16 -21.44 25.09 -5.64
CA ASP B 16 -22.05 24.90 -4.32
C ASP B 16 -23.34 24.10 -4.31
N GLN B 17 -23.74 23.72 -3.11
CA GLN B 17 -24.95 22.95 -2.88
C GLN B 17 -25.73 23.67 -1.78
N LEU B 18 -26.89 23.14 -1.43
CA LEU B 18 -27.71 23.76 -0.40
C LEU B 18 -27.15 23.42 0.98
N GLN B 19 -26.70 24.46 1.67
CA GLN B 19 -26.09 24.34 2.99
C GLN B 19 -24.67 23.77 2.84
N SER B 20 -24.05 24.04 1.68
CA SER B 20 -22.70 23.56 1.41
C SER B 20 -22.22 23.91 0.00
N TYR B 21 -20.95 23.63 -0.29
CA TYR B 21 -20.35 23.90 -1.61
C TYR B 21 -19.48 22.74 -2.13
N ILE B 22 -18.94 22.90 -3.33
CA ILE B 22 -18.08 21.88 -3.94
C ILE B 22 -17.07 22.52 -4.88
N CYS B 23 -15.83 22.64 -4.42
CA CYS B 23 -14.77 23.23 -5.22
C CYS B 23 -14.19 22.34 -6.30
N PHE B 24 -14.20 22.85 -7.54
CA PHE B 24 -13.62 22.11 -8.65
C PHE B 24 -12.21 22.70 -8.76
N CYS B 25 -11.21 21.84 -8.70
CA CYS B 25 -9.84 22.33 -8.73
C CYS B 25 -9.10 22.25 -10.04
N LEU B 26 -8.00 22.98 -10.09
CA LEU B 26 -7.13 23.00 -11.24
C LEU B 26 -6.20 21.79 -11.04
N PRO B 27 -5.73 21.19 -12.14
CA PRO B 27 -4.84 20.02 -12.08
C PRO B 27 -3.75 20.03 -11.02
N ALA B 28 -3.26 21.20 -10.64
CA ALA B 28 -2.20 21.30 -9.64
C ALA B 28 -2.72 21.70 -8.26
N PHE B 29 -4.01 21.48 -8.05
CA PHE B 29 -4.61 21.83 -6.77
C PHE B 29 -5.62 20.79 -6.33
N GLU B 30 -5.77 20.68 -5.02
CA GLU B 30 -6.70 19.73 -4.47
C GLU B 30 -7.06 20.15 -3.07
N GLY B 31 -8.24 19.72 -2.62
CA GLY B 31 -8.70 20.08 -1.30
C GLY B 31 -10.13 20.59 -1.37
N ARG B 32 -10.75 20.73 -0.22
CA ARG B 32 -12.11 21.21 -0.14
C ARG B 32 -12.19 22.62 -0.74
N ASN B 33 -11.10 23.36 -0.61
CA ASN B 33 -10.99 24.73 -1.10
C ASN B 33 -9.86 24.85 -2.14
N CYS B 34 -9.52 23.74 -2.77
CA CYS B 34 -8.43 23.69 -3.75
C CYS B 34 -7.20 24.35 -3.13
N GLU B 35 -7.24 24.50 -1.81
CA GLU B 35 -6.17 25.11 -1.06
C GLU B 35 -4.81 24.45 -1.24
N THR B 36 -4.78 23.12 -1.23
CA THR B 36 -3.52 22.36 -1.35
C THR B 36 -2.79 22.47 -2.70
N HIS B 37 -1.50 22.81 -2.61
CA HIS B 37 -0.64 22.95 -3.80
C HIS B 37 -0.03 21.59 -4.11
N LYS B 38 -0.53 20.92 -5.15
CA LYS B 38 -0.01 19.62 -5.51
C LYS B 38 1.52 19.64 -5.59
N ASP B 39 2.09 20.84 -5.62
CA ASP B 39 3.54 20.99 -5.68
C ASP B 39 4.10 20.90 -4.26
N ASP B 40 4.10 22.02 -3.55
CA ASP B 40 4.59 22.10 -2.17
C ASP B 40 4.36 20.83 -1.39
N GLN B 41 5.12 19.78 -1.69
CA GLN B 41 4.97 18.50 -1.03
C GLN B 41 6.18 17.60 -1.34
N LEU B 42 7.23 18.18 -1.92
CA LEU B 42 8.40 17.37 -2.28
C LEU B 42 9.19 16.89 -1.07
N ILE B 43 8.66 15.87 -0.41
CA ILE B 43 9.32 15.31 0.75
C ILE B 43 9.36 13.78 0.62
N CYS B 44 10.47 13.18 1.07
CA CYS B 44 10.69 11.73 1.02
C CYS B 44 9.53 10.86 1.53
N VAL B 45 8.82 11.31 2.56
CA VAL B 45 7.71 10.53 3.07
C VAL B 45 6.60 10.50 2.03
N ASN B 46 6.53 11.54 1.21
CA ASN B 46 5.50 11.66 0.17
C ASN B 46 5.45 10.50 -0.80
N GLU B 47 6.26 10.55 -1.85
CA GLU B 47 6.29 9.44 -2.80
C GLU B 47 7.75 9.15 -3.09
N ASN B 48 8.46 8.75 -2.03
CA ASN B 48 9.88 8.48 -2.08
C ASN B 48 10.56 9.73 -2.61
N GLY B 49 9.89 10.85 -2.42
CA GLY B 49 10.43 12.13 -2.85
C GLY B 49 10.59 12.25 -4.35
N GLY B 50 10.13 11.25 -5.07
CA GLY B 50 10.24 11.27 -6.52
C GLY B 50 11.46 10.50 -6.97
N CYS B 51 12.33 10.17 -6.03
CA CYS B 51 13.56 9.45 -6.33
C CYS B 51 13.27 8.02 -6.80
N GLU B 52 14.23 7.45 -7.52
CA GLU B 52 14.12 6.09 -8.03
C GLU B 52 14.56 5.15 -6.91
N GLN B 53 15.53 5.61 -6.13
CA GLN B 53 16.02 4.80 -5.02
C GLN B 53 16.01 5.54 -3.69
N TYR B 54 17.15 6.09 -3.26
CA TYR B 54 17.20 6.77 -1.97
C TYR B 54 16.84 8.25 -1.94
N CYS B 55 16.33 8.69 -0.80
CA CYS B 55 15.85 10.05 -0.65
C CYS B 55 16.17 10.72 0.68
N SER B 56 16.67 11.93 0.63
CA SER B 56 17.00 12.67 1.83
C SER B 56 16.33 14.05 1.85
N ASP B 57 15.56 14.31 2.90
CA ASP B 57 14.92 15.61 3.04
C ASP B 57 16.02 16.53 3.54
N HIS B 58 15.85 17.84 3.35
CA HIS B 58 16.84 18.82 3.79
C HIS B 58 16.17 20.05 4.35
N THR B 59 16.85 20.69 5.28
CA THR B 59 16.32 21.89 5.92
C THR B 59 16.29 23.05 4.94
N GLY B 60 15.10 23.63 4.78
CA GLY B 60 14.88 24.77 3.89
C GLY B 60 15.41 24.70 2.47
N THR B 61 15.65 23.47 1.97
CA THR B 61 16.19 23.26 0.63
C THR B 61 15.64 21.97 -0.02
N LYS B 62 15.51 22.00 -1.34
CA LYS B 62 15.00 20.87 -2.10
C LYS B 62 15.58 19.54 -1.63
N ARG B 63 14.72 18.53 -1.57
CA ARG B 63 15.11 17.19 -1.16
C ARG B 63 16.11 16.65 -2.16
N SER B 64 16.97 15.74 -1.70
CA SER B 64 18.00 15.14 -2.54
C SER B 64 17.79 13.65 -2.77
N CYS B 65 18.18 13.19 -3.96
CA CYS B 65 18.05 11.79 -4.31
C CYS B 65 19.43 11.19 -4.36
N ARG B 66 19.52 9.90 -4.05
CA ARG B 66 20.79 9.19 -4.06
C ARG B 66 20.57 7.77 -4.60
N CYS B 67 21.65 7.11 -4.98
CA CYS B 67 21.54 5.77 -5.53
C CYS B 67 22.23 4.73 -4.65
N HIS B 68 21.91 3.47 -4.87
CA HIS B 68 22.49 2.42 -4.08
C HIS B 68 23.96 2.14 -4.38
N GLU B 69 24.61 1.55 -3.38
CA GLU B 69 26.02 1.19 -3.36
C GLU B 69 26.69 0.80 -4.68
N GLY B 70 25.92 0.48 -5.72
CA GLY B 70 26.54 0.11 -6.98
C GLY B 70 25.98 0.83 -8.19
N TYR B 71 25.26 1.92 -7.94
CA TYR B 71 24.63 2.69 -9.01
C TYR B 71 25.20 4.09 -9.13
N SER B 72 24.58 4.87 -10.01
CA SER B 72 24.98 6.25 -10.25
C SER B 72 23.75 7.07 -10.57
N LEU B 73 23.70 8.30 -10.03
CA LEU B 73 22.55 9.18 -10.22
C LEU B 73 22.55 9.93 -11.54
N LEU B 74 21.65 9.51 -12.44
CA LEU B 74 21.53 10.13 -13.76
C LEU B 74 21.44 11.64 -13.68
N ALA B 75 21.42 12.29 -14.84
CA ALA B 75 21.37 13.74 -14.93
C ALA B 75 20.11 14.41 -14.40
N ASP B 76 18.98 13.71 -14.41
CA ASP B 76 17.73 14.30 -13.95
C ASP B 76 17.59 14.48 -12.44
N GLY B 77 18.60 14.04 -11.69
CA GLY B 77 18.58 14.19 -10.25
C GLY B 77 17.70 13.24 -9.45
N VAL B 78 17.05 12.30 -10.13
CA VAL B 78 16.20 11.36 -9.44
C VAL B 78 16.31 9.94 -9.98
N SER B 79 17.13 9.74 -11.01
CA SER B 79 17.27 8.41 -11.60
C SER B 79 18.60 7.70 -11.35
N CYS B 80 18.55 6.38 -11.23
CA CYS B 80 19.78 5.61 -10.99
C CYS B 80 20.09 4.65 -12.12
N THR B 81 21.37 4.53 -12.44
CA THR B 81 21.84 3.64 -13.49
C THR B 81 22.93 2.69 -12.97
N PRO B 82 22.99 1.47 -13.49
CA PRO B 82 24.02 0.56 -13.01
C PRO B 82 25.40 1.00 -13.49
N THR B 83 26.38 0.98 -12.59
CA THR B 83 27.74 1.35 -12.95
C THR B 83 28.59 0.11 -12.95
N VAL B 84 27.94 -1.05 -12.89
CA VAL B 84 28.65 -2.32 -12.87
C VAL B 84 27.87 -3.38 -13.64
N GLU B 85 28.51 -4.51 -13.88
CA GLU B 85 27.87 -5.58 -14.62
C GLU B 85 26.62 -6.15 -13.94
N TYR B 86 26.81 -6.77 -12.77
CA TYR B 86 25.71 -7.38 -12.03
C TYR B 86 25.35 -6.62 -10.74
N PRO B 87 24.65 -5.49 -10.86
CA PRO B 87 24.25 -4.69 -9.69
C PRO B 87 23.17 -5.39 -8.89
N CYS B 88 23.19 -5.26 -7.57
CA CYS B 88 22.18 -5.94 -6.74
C CYS B 88 20.75 -5.62 -7.17
N GLY B 89 19.83 -6.50 -6.81
CA GLY B 89 18.44 -6.27 -7.13
C GLY B 89 18.03 -6.20 -8.59
N LYS B 90 18.89 -6.66 -9.48
CA LYS B 90 18.58 -6.68 -10.90
C LYS B 90 18.65 -8.12 -11.36
N ILE B 91 17.60 -8.57 -12.03
CA ILE B 91 17.51 -9.93 -12.55
C ILE B 91 18.08 -9.97 -13.97
N PRO B 92 19.33 -10.45 -14.11
CA PRO B 92 20.01 -10.56 -15.39
C PRO B 92 19.22 -11.17 -16.54
N ILE B 93 18.64 -12.35 -16.36
CA ILE B 93 17.89 -12.96 -17.45
C ILE B 93 16.80 -12.05 -17.99
N LEU B 94 15.90 -11.59 -17.11
CA LEU B 94 14.84 -10.70 -17.55
C LEU B 94 15.44 -9.47 -18.20
N GLU B 95 16.39 -8.83 -17.52
CA GLU B 95 17.03 -7.64 -18.05
C GLU B 95 17.45 -7.80 -19.51
N ILE C 1 7.10 -23.42 0.46
CA ILE C 1 6.32 -22.30 -0.11
C ILE C 1 4.90 -22.75 -0.53
N VAL C 2 3.99 -22.72 0.44
CA VAL C 2 2.59 -23.13 0.25
C VAL C 2 1.82 -22.23 -0.69
N GLY C 3 1.34 -22.84 -1.79
CA GLY C 3 0.55 -22.15 -2.79
C GLY C 3 1.36 -21.30 -3.74
N GLY C 4 2.65 -21.57 -3.87
CA GLY C 4 3.48 -20.76 -4.74
C GLY C 4 3.52 -21.19 -6.19
N LYS C 5 4.62 -20.87 -6.83
CA LYS C 5 4.85 -21.21 -8.23
C LYS C 5 6.35 -21.40 -8.37
N VAL C 6 6.77 -22.37 -9.17
CA VAL C 6 8.18 -22.61 -9.38
C VAL C 6 8.85 -21.33 -9.89
N CYS C 7 9.91 -20.89 -9.22
CA CYS C 7 10.62 -19.68 -9.61
C CYS C 7 11.50 -19.98 -10.83
N PRO C 8 11.09 -19.49 -12.00
CA PRO C 8 11.81 -19.67 -13.26
C PRO C 8 13.32 -19.52 -13.05
N LYS C 9 14.05 -20.61 -13.22
CA LYS C 9 15.51 -20.59 -13.07
C LYS C 9 16.09 -19.27 -13.54
N GLY C 10 16.73 -18.54 -12.62
CA GLY C 10 17.35 -17.28 -12.93
C GLY C 10 16.63 -16.08 -12.34
N GLU C 11 15.34 -16.25 -12.06
CA GLU C 11 14.55 -15.16 -11.50
C GLU C 11 14.54 -15.08 -9.98
N CYS C 12 15.38 -15.87 -9.33
CA CYS C 12 15.48 -15.84 -7.87
C CYS C 12 16.97 -15.97 -7.56
N PRO C 13 17.80 -15.23 -8.31
CA PRO C 13 19.26 -15.20 -8.22
C PRO C 13 19.88 -15.00 -6.85
N TRP C 14 19.18 -14.34 -5.95
CA TRP C 14 19.75 -14.14 -4.63
C TRP C 14 19.43 -15.29 -3.67
N GLN C 15 18.64 -16.23 -4.18
CA GLN C 15 18.23 -17.37 -3.37
C GLN C 15 19.43 -18.26 -3.05
N VAL C 16 19.66 -18.43 -1.76
CA VAL C 16 20.74 -19.28 -1.30
C VAL C 16 20.10 -20.55 -0.75
N LEU C 17 20.84 -21.64 -0.80
CA LEU C 17 20.36 -22.91 -0.29
C LEU C 17 21.40 -23.23 0.75
N LEU C 18 20.99 -23.37 2.01
CA LEU C 18 21.95 -23.70 3.06
C LEU C 18 21.89 -25.19 3.37
N LEU C 19 22.98 -25.89 3.05
CA LEU C 19 23.10 -27.32 3.27
C LEU C 19 23.98 -27.69 4.45
N VAL C 20 23.71 -28.86 5.04
CA VAL C 20 24.48 -29.37 6.17
C VAL C 20 24.73 -30.86 5.97
N ASN C 21 25.99 -31.20 5.69
CA ASN C 21 26.39 -32.58 5.46
C ASN C 21 25.69 -33.16 4.23
N GLY C 22 24.87 -32.35 3.60
CA GLY C 22 24.16 -32.80 2.42
C GLY C 22 22.65 -32.68 2.56
N ALA C 23 22.19 -32.38 3.76
CA ALA C 23 20.76 -32.24 4.02
C ALA C 23 20.37 -30.77 4.00
N GLN C 24 19.17 -30.49 3.50
CA GLN C 24 18.68 -29.11 3.45
C GLN C 24 18.62 -28.62 4.89
N LEU C 25 19.04 -27.38 5.12
CA LEU C 25 19.00 -26.79 6.46
C LEU C 25 17.97 -25.69 6.44
N CYS C 26 18.11 -24.80 5.47
CA CYS C 26 17.21 -23.66 5.33
C CYS C 26 17.53 -23.00 4.01
N GLY C 27 17.07 -21.77 3.87
CA GLY C 27 17.33 -20.97 2.69
C GLY C 27 18.17 -19.83 3.20
N GLY C 28 18.45 -18.84 2.35
CA GLY C 28 19.26 -17.71 2.78
C GLY C 28 19.26 -16.68 1.66
N THR C 29 19.88 -15.53 1.88
CA THR C 29 19.92 -14.53 0.83
C THR C 29 21.29 -13.93 0.58
N LEU C 30 21.59 -13.71 -0.69
CA LEU C 30 22.86 -13.13 -1.09
C LEU C 30 22.79 -11.62 -1.13
N ILE C 31 23.36 -10.94 -0.15
CA ILE C 31 23.36 -9.49 -0.17
C ILE C 31 24.72 -9.02 -0.63
N ASN C 32 25.60 -9.98 -0.88
CA ASN C 32 26.95 -9.68 -1.35
C ASN C 32 27.73 -10.96 -1.59
N THR C 33 28.72 -10.89 -2.48
CA THR C 33 29.52 -12.04 -2.86
C THR C 33 30.02 -12.98 -1.79
N ILE C 34 30.16 -12.52 -0.54
CA ILE C 34 30.62 -13.43 0.49
C ILE C 34 29.67 -13.41 1.67
N TRP C 35 28.66 -12.56 1.58
CA TRP C 35 27.72 -12.45 2.67
C TRP C 35 26.33 -12.96 2.36
N VAL C 36 25.91 -13.93 3.16
CA VAL C 36 24.59 -14.52 3.04
C VAL C 36 23.78 -14.10 4.26
N VAL C 37 22.47 -13.93 4.10
CA VAL C 37 21.65 -13.56 5.25
C VAL C 37 20.63 -14.67 5.39
N SER C 38 20.49 -15.16 6.62
CA SER C 38 19.56 -16.22 6.87
C SER C 38 18.81 -15.97 8.16
N ALA C 39 18.09 -16.99 8.63
CA ALA C 39 17.33 -16.89 9.87
C ALA C 39 18.11 -17.48 11.02
N ALA C 40 18.24 -16.71 12.10
CA ALA C 40 18.98 -17.16 13.28
C ALA C 40 18.60 -18.58 13.73
N HIS C 41 17.31 -18.81 13.98
CA HIS C 41 16.85 -20.11 14.45
C HIS C 41 17.32 -21.30 13.62
N CYS C 42 17.77 -21.08 12.39
CA CYS C 42 18.23 -22.19 11.53
C CYS C 42 19.47 -22.86 12.03
N PHE C 43 20.02 -22.39 13.14
CA PHE C 43 21.26 -22.94 13.65
C PHE C 43 21.17 -23.43 15.08
N ASP C 44 19.97 -23.41 15.64
CA ASP C 44 19.76 -23.85 17.01
C ASP C 44 20.35 -25.24 17.29
N LYS C 45 20.61 -26.02 16.25
CA LYS C 45 21.16 -27.36 16.46
C LYS C 45 22.56 -27.60 15.89
N ILE C 46 22.78 -27.13 14.66
CA ILE C 46 24.06 -27.27 13.97
C ILE C 46 25.20 -27.73 14.88
N LYS C 47 25.62 -28.99 14.74
CA LYS C 47 26.69 -29.52 15.57
C LYS C 47 28.05 -29.60 14.86
N ASN C 48 28.02 -29.65 13.52
CA ASN C 48 29.25 -29.71 12.74
C ASN C 48 29.38 -28.42 11.94
N TRP C 49 29.85 -27.35 12.59
CA TRP C 49 30.02 -26.06 11.92
C TRP C 49 31.09 -26.13 10.84
N ARG C 50 31.18 -27.28 10.18
CA ARG C 50 32.17 -27.49 9.14
C ARG C 50 31.50 -27.99 7.86
N ASN C 51 30.43 -28.76 8.04
CA ASN C 51 29.68 -29.32 6.92
C ASN C 51 28.66 -28.29 6.44
N LEU C 52 28.70 -27.12 7.06
CA LEU C 52 27.80 -26.02 6.72
C LEU C 52 28.12 -25.51 5.30
N ILE C 53 27.27 -25.84 4.34
CA ILE C 53 27.49 -25.42 2.95
C ILE C 53 26.41 -24.46 2.41
N ALA C 54 26.85 -23.47 1.65
CA ALA C 54 25.94 -22.49 1.06
C ALA C 54 25.95 -22.67 -0.47
N VAL C 55 24.77 -22.88 -1.07
CA VAL C 55 24.71 -23.08 -2.51
C VAL C 55 23.91 -22.06 -3.33
N LEU C 56 24.60 -21.37 -4.23
CA LEU C 56 23.95 -20.40 -5.09
C LEU C 56 23.85 -20.91 -6.51
N GLY C 57 22.97 -20.28 -7.29
CA GLY C 57 22.76 -20.69 -8.66
C GLY C 57 21.86 -21.92 -8.63
N GLU C 58 21.68 -22.47 -7.44
CA GLU C 58 20.85 -23.65 -7.23
C GLU C 58 19.44 -23.37 -7.73
N HIS C 59 18.73 -24.40 -8.16
CA HIS C 59 17.38 -24.22 -8.68
C HIS C 59 16.56 -25.50 -8.65
N ASP C 60 17.15 -26.58 -9.14
CA ASP C 60 16.48 -27.88 -9.19
C ASP C 60 17.39 -28.82 -8.44
N LEU C 61 17.01 -29.22 -7.23
CA LEU C 61 17.87 -30.10 -6.45
C LEU C 61 17.97 -31.50 -7.03
N SER C 62 17.02 -31.87 -7.89
CA SER C 62 17.03 -33.19 -8.52
C SER C 62 18.22 -33.31 -9.45
N GLU C 63 18.16 -32.58 -10.57
CA GLU C 63 19.23 -32.61 -11.55
C GLU C 63 20.32 -31.64 -11.14
N HIS C 64 21.45 -31.72 -11.83
CA HIS C 64 22.57 -30.87 -11.49
C HIS C 64 23.20 -30.11 -12.67
N ASP C 65 22.51 -29.09 -13.20
CA ASP C 65 23.08 -28.32 -14.31
C ASP C 65 24.34 -27.66 -13.81
N GLY C 66 25.02 -26.87 -14.63
CA GLY C 66 26.25 -26.30 -14.13
C GLY C 66 26.27 -24.91 -13.52
N ASP C 67 25.11 -24.39 -13.13
CA ASP C 67 25.08 -23.04 -12.57
C ASP C 67 25.23 -22.93 -11.06
N GLU C 68 25.31 -24.05 -10.36
CA GLU C 68 25.44 -24.01 -8.91
C GLU C 68 26.86 -23.58 -8.54
N GLN C 69 27.03 -23.16 -7.29
CA GLN C 69 28.33 -22.74 -6.79
C GLN C 69 28.31 -23.01 -5.28
N SER C 70 29.12 -23.93 -4.80
CA SER C 70 29.11 -24.20 -3.36
C SER C 70 30.16 -23.38 -2.61
N ARG C 71 29.95 -23.18 -1.31
CA ARG C 71 30.90 -22.41 -0.51
C ARG C 71 30.73 -22.70 0.97
N ARG C 72 31.80 -23.20 1.59
CA ARG C 72 31.76 -23.52 3.01
C ARG C 72 31.44 -22.24 3.74
N VAL C 73 30.47 -22.30 4.65
CA VAL C 73 30.13 -21.11 5.41
C VAL C 73 31.25 -20.89 6.41
N ALA C 74 31.98 -19.78 6.25
CA ALA C 74 33.09 -19.45 7.14
C ALA C 74 32.61 -19.12 8.55
N GLN C 75 31.80 -18.08 8.65
CA GLN C 75 31.30 -17.65 9.96
C GLN C 75 29.79 -17.47 9.97
N VAL C 76 29.18 -17.79 11.11
CA VAL C 76 27.74 -17.65 11.30
C VAL C 76 27.51 -16.67 12.44
N ILE C 77 26.95 -15.51 12.11
CA ILE C 77 26.72 -14.48 13.12
C ILE C 77 25.23 -14.20 13.37
N ILE C 78 24.86 -14.20 14.65
CA ILE C 78 23.47 -13.94 15.03
C ILE C 78 23.48 -12.83 16.08
N PRO C 79 22.37 -12.08 16.22
CA PRO C 79 22.32 -11.00 17.20
C PRO C 79 22.47 -11.43 18.65
N SER C 80 23.16 -10.60 19.42
CA SER C 80 23.38 -10.88 20.83
C SER C 80 22.06 -11.12 21.53
N THR C 81 21.02 -10.40 21.14
CA THR C 81 19.73 -10.56 21.79
C THR C 81 18.90 -11.73 21.30
N TYR C 82 19.41 -12.52 20.35
CA TYR C 82 18.64 -13.67 19.88
C TYR C 82 18.71 -14.74 20.95
N VAL C 83 17.56 -15.32 21.27
CA VAL C 83 17.50 -16.38 22.27
C VAL C 83 17.01 -17.67 21.62
N PRO C 84 17.93 -18.55 21.22
CA PRO C 84 17.60 -19.83 20.58
C PRO C 84 16.34 -20.44 21.14
N GLY C 85 15.43 -20.82 20.26
CA GLY C 85 14.16 -21.42 20.68
C GLY C 85 13.00 -20.46 20.73
N THR C 86 13.29 -19.15 20.65
CA THR C 86 12.26 -18.12 20.69
C THR C 86 12.10 -17.42 19.33
N THR C 87 11.08 -16.57 19.21
CA THR C 87 10.79 -15.89 17.95
C THR C 87 11.52 -14.59 17.68
N ASN C 88 11.99 -13.91 18.72
CA ASN C 88 12.63 -12.63 18.51
C ASN C 88 14.06 -12.65 17.97
N HIS C 89 14.40 -11.59 17.23
CA HIS C 89 15.72 -11.43 16.63
C HIS C 89 16.14 -12.66 15.87
N ASP C 90 15.31 -13.06 14.91
CA ASP C 90 15.55 -14.24 14.09
C ASP C 90 16.25 -13.84 12.80
N ILE C 91 17.55 -13.64 12.88
CA ILE C 91 18.32 -13.24 11.72
C ILE C 91 19.78 -13.64 11.88
N ALA C 92 20.42 -14.02 10.78
CA ALA C 92 21.81 -14.43 10.82
C ALA C 92 22.56 -13.88 9.61
N LEU C 93 23.82 -13.53 9.82
CA LEU C 93 24.68 -13.04 8.76
C LEU C 93 25.74 -14.08 8.54
N LEU C 94 25.70 -14.77 7.40
CA LEU C 94 26.68 -15.79 7.09
C LEU C 94 27.83 -15.23 6.26
N ARG C 95 29.00 -15.82 6.41
CA ARG C 95 30.17 -15.40 5.65
C ARG C 95 30.71 -16.65 5.02
N LEU C 96 31.08 -16.54 3.75
CA LEU C 96 31.58 -17.69 3.01
C LEU C 96 33.09 -17.75 3.03
N HIS C 97 33.61 -18.97 3.04
CA HIS C 97 35.03 -19.16 3.05
C HIS C 97 35.64 -18.42 1.87
N GLN C 98 34.93 -18.43 0.75
CA GLN C 98 35.40 -17.76 -0.47
C GLN C 98 34.21 -17.16 -1.24
N PRO C 99 34.38 -15.96 -1.81
CA PRO C 99 33.30 -15.34 -2.55
C PRO C 99 32.78 -16.16 -3.71
N VAL C 100 31.50 -15.95 -4.04
CA VAL C 100 30.85 -16.64 -5.15
C VAL C 100 31.06 -15.76 -6.37
N VAL C 101 30.90 -16.34 -7.55
CA VAL C 101 31.06 -15.59 -8.79
C VAL C 101 29.74 -15.05 -9.30
N LEU C 102 29.65 -13.74 -9.48
CA LEU C 102 28.42 -13.13 -9.98
C LEU C 102 28.25 -13.54 -11.44
N THR C 103 27.04 -14.00 -11.76
CA THR C 103 26.70 -14.44 -13.11
C THR C 103 25.21 -14.26 -13.27
N ASP C 104 24.71 -14.47 -14.48
CA ASP C 104 23.29 -14.33 -14.74
C ASP C 104 22.45 -15.17 -13.79
N HIS C 105 23.08 -16.10 -13.07
CA HIS C 105 22.36 -16.96 -12.13
C HIS C 105 22.73 -16.70 -10.67
N VAL C 106 23.64 -15.78 -10.43
CA VAL C 106 24.01 -15.49 -9.06
C VAL C 106 24.24 -14.00 -8.94
N VAL C 107 23.28 -13.32 -8.35
CA VAL C 107 23.32 -11.88 -8.17
C VAL C 107 22.82 -11.60 -6.75
N PRO C 108 23.39 -10.59 -6.09
CA PRO C 108 22.96 -10.26 -4.74
C PRO C 108 21.71 -9.39 -4.72
N LEU C 109 20.99 -9.40 -3.60
CA LEU C 109 19.80 -8.58 -3.43
C LEU C 109 20.28 -7.35 -2.68
N CYS C 110 19.67 -6.20 -2.94
CA CYS C 110 20.10 -4.99 -2.27
C CYS C 110 19.60 -4.93 -0.83
N LEU C 111 20.44 -4.43 0.05
CA LEU C 111 20.09 -4.27 1.46
C LEU C 111 19.78 -2.77 1.50
N PRO C 112 18.50 -2.39 1.32
CA PRO C 112 18.02 -1.01 1.32
C PRO C 112 18.43 -0.11 2.47
N GLU C 113 18.37 1.21 2.25
CA GLU C 113 18.67 2.17 3.29
C GLU C 113 17.50 2.02 4.25
N ARG C 114 17.79 2.06 5.55
CA ARG C 114 16.76 1.91 6.55
C ARG C 114 15.60 2.82 6.20
N THR C 115 15.89 4.11 6.14
CA THR C 115 14.85 5.09 5.85
C THR C 115 13.95 4.59 4.74
N PHE C 116 14.58 4.30 3.60
CA PHE C 116 13.90 3.81 2.40
C PHE C 116 13.05 2.60 2.71
N SER C 117 13.61 1.68 3.48
CA SER C 117 12.88 0.46 3.83
C SER C 117 11.63 0.85 4.58
N GLU C 118 11.75 1.81 5.51
CA GLU C 118 10.65 2.29 6.34
C GLU C 118 9.59 3.20 5.71
N ARG C 119 10.04 4.22 4.98
CA ARG C 119 9.11 5.14 4.33
C ARG C 119 8.50 4.59 3.06
N THR C 120 9.30 3.93 2.23
CA THR C 120 8.78 3.43 0.95
C THR C 120 8.49 1.92 0.82
N LEU C 121 9.53 1.09 0.86
CA LEU C 121 9.32 -0.34 0.70
C LEU C 121 8.16 -0.84 1.53
N ALA C 122 8.16 -0.54 2.81
CA ALA C 122 7.10 -0.97 3.72
C ALA C 122 5.66 -0.81 3.21
N PHE C 123 5.43 0.14 2.31
CA PHE C 123 4.09 0.34 1.81
C PHE C 123 3.86 -0.13 0.38
N VAL C 124 4.64 -1.11 -0.06
CA VAL C 124 4.49 -1.69 -1.38
C VAL C 124 3.75 -2.99 -1.09
N ARG C 125 2.46 -2.99 -1.32
CA ARG C 125 1.62 -4.13 -1.03
C ARG C 125 2.27 -5.50 -1.08
N PHE C 126 2.79 -5.88 -2.25
CA PHE C 126 3.39 -7.20 -2.42
C PHE C 126 4.91 -7.34 -2.46
N SER C 127 5.37 -8.56 -2.16
CA SER C 127 6.78 -8.94 -2.13
C SER C 127 6.85 -10.45 -2.31
N LEU C 128 7.94 -10.95 -2.91
CA LEU C 128 8.05 -12.40 -3.13
C LEU C 128 8.85 -13.12 -2.07
N VAL C 129 8.30 -14.20 -1.57
CA VAL C 129 9.00 -15.00 -0.58
C VAL C 129 9.36 -16.25 -1.37
N SER C 130 10.45 -16.93 -1.04
CA SER C 130 10.81 -18.11 -1.81
C SER C 130 11.82 -19.03 -1.13
N GLY C 131 11.71 -20.32 -1.45
CA GLY C 131 12.63 -21.31 -0.89
C GLY C 131 12.22 -22.70 -1.31
N TRP C 132 12.98 -23.72 -0.90
CA TRP C 132 12.66 -25.13 -1.23
C TRP C 132 11.98 -25.81 -0.06
N GLY C 133 11.39 -25.01 0.84
CA GLY C 133 10.71 -25.53 2.01
C GLY C 133 9.52 -26.40 1.69
N GLN C 134 8.70 -26.69 2.71
CA GLN C 134 7.51 -27.51 2.55
C GLN C 134 6.45 -26.87 1.66
N LEU C 135 5.77 -27.71 0.89
CA LEU C 135 4.71 -27.28 -0.03
C LEU C 135 3.32 -27.30 0.61
N LEU C 136 3.27 -27.84 1.82
CA LEU C 136 2.05 -27.93 2.60
C LEU C 136 2.63 -28.07 3.99
N ASP C 137 1.85 -28.39 5.01
CA ASP C 137 2.44 -28.49 6.34
C ASP C 137 3.37 -29.68 6.44
N ARG C 138 2.94 -30.77 7.05
CA ARG C 138 3.80 -31.94 7.16
C ARG C 138 4.16 -32.52 5.77
N GLY C 139 3.78 -31.79 4.72
CA GLY C 139 4.03 -32.20 3.35
C GLY C 139 5.48 -32.28 2.91
N ALA C 140 5.68 -32.61 1.64
CA ALA C 140 7.02 -32.78 1.10
C ALA C 140 7.63 -31.44 0.78
N THR C 141 8.96 -31.40 0.66
CA THR C 141 9.64 -30.16 0.32
C THR C 141 9.83 -30.07 -1.19
N ALA C 142 10.05 -28.85 -1.68
CA ALA C 142 10.20 -28.61 -3.10
C ALA C 142 11.53 -29.05 -3.67
N LEU C 143 11.52 -29.55 -4.90
CA LEU C 143 12.74 -29.94 -5.56
C LEU C 143 13.17 -28.76 -6.43
N GLU C 144 12.18 -28.02 -6.95
CA GLU C 144 12.45 -26.81 -7.75
C GLU C 144 12.15 -25.58 -6.90
N LEU C 145 13.00 -24.56 -6.97
CA LEU C 145 12.79 -23.35 -6.19
C LEU C 145 11.36 -22.82 -6.37
N MET C 146 10.64 -22.66 -5.25
CA MET C 146 9.26 -22.14 -5.27
C MET C 146 9.27 -20.69 -4.77
N VAL C 147 8.43 -19.84 -5.37
CA VAL C 147 8.35 -18.43 -5.00
C VAL C 147 6.88 -18.02 -4.82
N LEU C 148 6.62 -17.16 -3.82
CA LEU C 148 5.26 -16.72 -3.51
C LEU C 148 5.23 -15.22 -3.43
N ASN C 149 4.14 -14.64 -3.93
CA ASN C 149 3.95 -13.19 -3.92
C ASN C 149 2.90 -12.94 -2.85
N VAL C 150 3.30 -12.34 -1.74
CA VAL C 150 2.38 -12.09 -0.62
C VAL C 150 2.18 -10.62 -0.27
N PRO C 151 1.10 -10.29 0.45
CA PRO C 151 0.84 -8.91 0.85
C PRO C 151 1.21 -8.66 2.32
N ARG C 152 1.78 -7.49 2.57
CA ARG C 152 2.21 -7.09 3.89
C ARG C 152 1.15 -6.34 4.69
N LEU C 153 1.20 -6.48 6.01
CA LEU C 153 0.25 -5.78 6.88
C LEU C 153 1.04 -5.10 7.97
N MET C 154 0.46 -4.08 8.56
CA MET C 154 1.11 -3.39 9.67
C MET C 154 0.71 -4.24 10.86
N THR C 155 1.53 -4.28 11.91
CA THR C 155 1.20 -5.11 13.07
C THR C 155 -0.19 -4.93 13.68
N GLN C 156 -0.76 -3.73 13.61
CA GLN C 156 -2.10 -3.54 14.17
C GLN C 156 -3.08 -4.45 13.45
N ASP C 157 -3.10 -4.37 12.12
CA ASP C 157 -4.00 -5.22 11.34
C ASP C 157 -3.68 -6.68 11.60
N CYS C 158 -2.41 -7.05 11.58
CA CYS C 158 -2.02 -8.44 11.82
C CYS C 158 -2.65 -8.98 13.09
N LEU C 159 -2.65 -8.18 14.15
CA LEU C 159 -3.23 -8.56 15.42
C LEU C 159 -4.73 -8.63 15.32
N GLN C 160 -5.32 -7.61 14.70
CA GLN C 160 -6.75 -7.55 14.58
C GLN C 160 -7.36 -8.68 13.79
N GLN C 161 -6.58 -9.27 12.89
CA GLN C 161 -7.10 -10.32 12.03
C GLN C 161 -6.72 -11.76 12.34
N SER C 162 -5.68 -11.96 13.12
CA SER C 162 -5.29 -13.33 13.43
C SER C 162 -6.13 -13.86 14.57
N ARG C 163 -6.35 -15.17 14.58
CA ARG C 163 -7.10 -15.80 15.65
C ARG C 163 -6.16 -15.82 16.85
N LYS C 164 -6.59 -15.19 17.93
CA LYS C 164 -5.79 -15.14 19.14
C LYS C 164 -5.43 -16.57 19.54
N VAL C 165 -4.14 -16.84 19.67
CA VAL C 165 -3.69 -18.18 20.04
C VAL C 165 -3.42 -18.20 21.55
N GLY C 166 -3.20 -19.38 22.11
CA GLY C 166 -2.93 -19.47 23.53
C GLY C 166 -1.77 -18.58 23.94
N ASP C 167 -0.61 -18.81 23.34
CA ASP C 167 0.58 -18.02 23.62
C ASP C 167 1.25 -17.60 22.32
N SER C 168 0.49 -16.97 21.44
CA SER C 168 1.02 -16.51 20.16
C SER C 168 2.06 -15.42 20.43
N PRO C 169 3.35 -15.74 20.25
CA PRO C 169 4.46 -14.80 20.47
C PRO C 169 4.12 -13.42 19.95
N ASN C 170 4.29 -12.39 20.77
CA ASN C 170 3.96 -11.03 20.33
C ASN C 170 4.58 -10.75 18.96
N ILE C 171 3.99 -9.84 18.22
CA ILE C 171 4.54 -9.46 16.92
C ILE C 171 5.35 -8.21 17.27
N THR C 172 6.60 -8.43 17.67
CA THR C 172 7.52 -7.37 18.08
C THR C 172 7.92 -6.51 16.90
N GLU C 173 8.59 -5.41 17.16
CA GLU C 173 9.02 -4.49 16.09
C GLU C 173 10.21 -5.00 15.27
N TYR C 174 10.44 -6.30 15.29
CA TYR C 174 11.57 -6.89 14.57
C TYR C 174 11.04 -7.95 13.62
N MET C 175 9.72 -7.98 13.53
CA MET C 175 9.01 -8.91 12.67
C MET C 175 7.78 -8.22 12.11
N PHE C 176 7.28 -8.73 10.99
CA PHE C 176 6.08 -8.16 10.38
C PHE C 176 5.32 -9.30 9.75
N CYS C 177 4.02 -9.12 9.55
CA CYS C 177 3.21 -10.18 8.95
C CYS C 177 2.96 -9.93 7.46
N ALA C 178 2.85 -11.02 6.73
CA ALA C 178 2.60 -10.95 5.30
C ALA C 178 1.97 -12.26 4.93
N GLY C 179 1.06 -12.23 3.97
CA GLY C 179 0.42 -13.45 3.55
C GLY C 179 -1.09 -13.34 3.52
N TYR C 180 -1.74 -14.47 3.70
CA TYR C 180 -3.19 -14.49 3.68
C TYR C 180 -3.65 -15.26 4.90
N SER C 181 -4.82 -14.95 5.42
CA SER C 181 -5.30 -15.67 6.58
C SER C 181 -6.40 -16.63 6.18
N ASP C 182 -6.61 -16.76 4.88
CA ASP C 182 -7.65 -17.64 4.35
C ASP C 182 -7.12 -19.03 3.92
N GLY C 183 -6.13 -19.55 4.63
CA GLY C 183 -5.57 -20.85 4.28
C GLY C 183 -4.86 -20.93 2.92
N SER C 184 -5.12 -19.96 2.06
CA SER C 184 -4.56 -19.90 0.72
C SER C 184 -3.07 -20.24 0.55
N LYS C 185 -2.20 -19.24 0.69
CA LYS C 185 -0.77 -19.43 0.52
C LYS C 185 0.12 -18.79 1.62
N ASP C 186 1.36 -19.26 1.73
CA ASP C 186 2.27 -18.75 2.75
C ASP C 186 3.60 -19.51 2.63
N SER C 187 4.65 -19.04 3.31
CA SER C 187 5.94 -19.74 3.29
C SER C 187 5.82 -20.81 4.36
N CYS C 188 6.77 -21.76 4.41
CA CYS C 188 6.68 -22.86 5.36
C CYS C 188 8.01 -23.32 6.02
N LYS C 189 8.01 -24.54 6.56
CA LYS C 189 9.15 -25.12 7.29
C LYS C 189 10.57 -25.07 6.72
N GLY C 190 10.75 -25.39 5.44
CA GLY C 190 12.10 -25.37 4.94
C GLY C 190 12.53 -24.02 4.40
N ASP C 191 11.66 -23.03 4.51
CA ASP C 191 11.96 -21.71 3.96
C ASP C 191 12.70 -20.74 4.86
N SER C 192 12.67 -20.95 6.16
CA SER C 192 13.38 -20.04 7.04
C SER C 192 14.68 -19.54 6.46
N GLY C 193 14.95 -18.26 6.65
CA GLY C 193 16.18 -17.69 6.14
C GLY C 193 16.02 -17.16 4.74
N GLY C 194 14.89 -17.48 4.11
CA GLY C 194 14.64 -17.03 2.74
C GLY C 194 14.35 -15.55 2.62
N PRO C 195 14.48 -15.00 1.41
CA PRO C 195 14.23 -13.58 1.23
C PRO C 195 12.76 -13.21 1.05
N HIS C 196 12.43 -12.00 1.43
CA HIS C 196 11.08 -11.43 1.27
C HIS C 196 11.61 -10.20 0.55
N ALA C 197 11.67 -10.33 -0.77
CA ALA C 197 12.17 -9.28 -1.65
C ALA C 197 11.05 -8.42 -2.17
N THR C 198 11.21 -7.13 -1.98
CA THR C 198 10.24 -6.13 -2.39
C THR C 198 10.75 -5.45 -3.63
N HIS C 199 9.85 -5.20 -4.57
CA HIS C 199 10.21 -4.56 -5.82
C HIS C 199 9.83 -3.11 -5.78
N TYR C 200 10.78 -2.23 -6.08
CA TYR C 200 10.45 -0.81 -6.11
C TYR C 200 11.20 -0.13 -7.25
N ARG C 201 10.46 0.20 -8.29
CA ARG C 201 10.99 0.90 -9.45
C ARG C 201 12.18 0.24 -10.14
N GLY C 202 12.02 -1.01 -10.54
CA GLY C 202 13.10 -1.68 -11.26
C GLY C 202 14.21 -2.29 -10.44
N THR C 203 14.09 -2.24 -9.12
CA THR C 203 15.12 -2.82 -8.26
C THR C 203 14.48 -3.57 -7.11
N TRP C 204 15.14 -4.63 -6.65
CA TRP C 204 14.61 -5.43 -5.55
C TRP C 204 15.44 -5.31 -4.29
N TYR C 205 14.77 -5.10 -3.16
CA TYR C 205 15.45 -4.94 -1.89
C TYR C 205 15.03 -5.98 -0.85
N LEU C 206 15.93 -6.35 0.05
CA LEU C 206 15.62 -7.34 1.09
C LEU C 206 14.93 -6.67 2.31
N THR C 207 13.61 -6.82 2.38
CA THR C 207 12.79 -6.24 3.42
C THR C 207 12.38 -7.27 4.47
N GLY C 208 12.45 -8.55 4.13
CA GLY C 208 12.07 -9.58 5.07
C GLY C 208 12.78 -10.91 4.94
N ILE C 209 12.81 -11.65 6.05
CA ILE C 209 13.45 -12.96 6.12
C ILE C 209 12.45 -13.92 6.77
N VAL C 210 12.18 -15.04 6.13
CA VAL C 210 11.24 -16.02 6.68
C VAL C 210 11.66 -16.48 8.09
N SER C 211 10.73 -16.42 9.05
CA SER C 211 11.03 -16.83 10.43
C SER C 211 10.06 -17.89 10.91
N TRP C 212 8.88 -17.46 11.33
CA TRP C 212 7.87 -18.37 11.85
C TRP C 212 6.42 -18.07 11.42
N GLY C 213 5.50 -18.89 11.91
CA GLY C 213 4.08 -18.76 11.63
C GLY C 213 3.43 -19.86 12.45
N GLN C 214 2.11 -19.84 12.66
CA GLN C 214 1.49 -20.93 13.43
C GLN C 214 1.84 -22.21 12.69
N GLY C 215 1.11 -22.45 11.61
CA GLY C 215 1.40 -23.62 10.82
C GLY C 215 1.84 -23.03 9.49
N CYS C 216 1.40 -23.65 8.41
CA CYS C 216 1.73 -23.14 7.09
C CYS C 216 0.43 -22.87 6.35
N ALA C 217 0.13 -21.59 6.17
CA ALA C 217 -1.10 -21.18 5.50
C ALA C 217 -2.30 -21.59 6.33
N THR C 218 -2.17 -21.50 7.65
CA THR C 218 -3.26 -21.86 8.54
C THR C 218 -4.31 -20.74 8.60
N VAL C 219 -5.56 -21.11 8.38
CA VAL C 219 -6.66 -20.17 8.40
C VAL C 219 -6.64 -19.23 9.61
N GLY C 220 -6.85 -17.94 9.35
CA GLY C 220 -6.89 -16.93 10.39
C GLY C 220 -5.52 -16.59 10.94
N HIS C 221 -4.49 -16.97 10.19
CA HIS C 221 -3.12 -16.69 10.63
C HIS C 221 -2.27 -16.28 9.47
N PHE C 222 -1.27 -15.47 9.79
CA PHE C 222 -0.37 -14.98 8.78
C PHE C 222 0.99 -15.55 9.06
N GLY C 223 1.96 -15.16 8.23
CA GLY C 223 3.30 -15.64 8.41
C GLY C 223 4.15 -14.47 8.84
N VAL C 224 4.85 -14.62 9.96
CA VAL C 224 5.70 -13.57 10.47
C VAL C 224 7.04 -13.55 9.76
N TYR C 225 7.51 -12.37 9.39
CA TYR C 225 8.78 -12.19 8.71
C TYR C 225 9.63 -11.25 9.51
N THR C 226 10.94 -11.52 9.57
CA THR C 226 11.85 -10.67 10.32
C THR C 226 11.97 -9.34 9.56
N ARG C 227 11.63 -8.25 10.23
CA ARG C 227 11.69 -6.91 9.67
C ARG C 227 13.16 -6.50 9.42
N VAL C 228 13.77 -7.01 8.35
CA VAL C 228 15.17 -6.72 8.02
C VAL C 228 15.72 -5.29 8.27
N SER C 229 14.85 -4.29 8.21
CA SER C 229 15.30 -2.91 8.39
C SER C 229 15.68 -2.50 9.80
N GLN C 230 15.30 -3.28 10.80
CA GLN C 230 15.67 -2.90 12.16
C GLN C 230 17.12 -3.30 12.26
N TYR C 231 17.53 -4.18 11.36
CA TYR C 231 18.86 -4.72 11.39
C TYR C 231 19.84 -4.23 10.31
N ILE C 232 19.60 -3.07 9.73
CA ILE C 232 20.55 -2.64 8.70
C ILE C 232 21.89 -2.15 9.18
N GLU C 233 21.93 -1.14 10.05
CA GLU C 233 23.25 -0.68 10.51
C GLU C 233 23.99 -1.89 11.07
N TRP C 234 23.26 -2.77 11.74
CA TRP C 234 23.85 -3.96 12.32
C TRP C 234 24.61 -4.78 11.29
N LEU C 235 23.91 -5.14 10.21
CA LEU C 235 24.49 -5.94 9.11
C LEU C 235 25.70 -5.29 8.49
N GLN C 236 25.58 -3.99 8.20
CA GLN C 236 26.66 -3.25 7.57
C GLN C 236 27.82 -2.93 8.50
N LYS C 237 27.60 -3.12 9.79
CA LYS C 237 28.64 -2.88 10.78
C LYS C 237 29.51 -4.14 10.70
N LEU C 238 28.84 -5.28 10.71
CA LEU C 238 29.51 -6.57 10.66
C LEU C 238 30.23 -6.79 9.35
N MET C 239 29.59 -6.43 8.24
CA MET C 239 30.24 -6.65 6.96
C MET C 239 31.57 -5.93 6.82
N ARG C 240 31.76 -4.83 7.55
CA ARG C 240 33.04 -4.11 7.50
C ARG C 240 33.96 -4.69 8.58
N SER C 241 33.39 -4.90 9.76
CA SER C 241 34.15 -5.45 10.89
C SER C 241 35.02 -6.61 10.45
N GLU C 242 36.28 -6.61 10.88
CA GLU C 242 37.22 -7.67 10.53
C GLU C 242 36.77 -9.00 11.12
N PRO C 243 37.16 -10.11 10.48
CA PRO C 243 36.82 -11.47 10.91
C PRO C 243 36.97 -11.70 12.41
N ARG C 244 36.37 -12.77 12.90
CA ARG C 244 36.42 -13.09 14.31
C ARG C 244 36.74 -14.58 14.43
N PRO C 245 37.44 -14.99 15.51
CA PRO C 245 37.82 -16.37 15.77
C PRO C 245 36.83 -17.46 15.38
N GLY C 246 35.89 -17.71 16.30
CA GLY C 246 34.91 -18.75 16.12
C GLY C 246 34.12 -18.78 14.83
N VAL C 247 33.19 -19.72 14.78
CA VAL C 247 32.31 -19.89 13.63
C VAL C 247 30.99 -19.24 13.97
N LEU C 248 30.52 -19.47 15.19
CA LEU C 248 29.26 -18.90 15.63
C LEU C 248 29.48 -17.66 16.49
N LEU C 249 29.73 -16.53 15.84
CA LEU C 249 29.93 -15.29 16.56
C LEU C 249 28.56 -14.80 17.01
N ARG C 250 28.53 -14.05 18.09
CA ARG C 250 27.26 -13.53 18.58
C ARG C 250 27.33 -12.01 18.68
N ALA C 251 27.38 -11.37 17.52
CA ALA C 251 27.45 -9.93 17.43
C ALA C 251 26.41 -9.26 18.31
N PRO C 252 26.78 -8.16 18.97
CA PRO C 252 25.91 -7.38 19.87
C PRO C 252 24.83 -6.67 19.07
N PHE C 253 23.75 -6.31 19.75
CA PHE C 253 22.64 -5.60 19.12
C PHE C 253 21.87 -4.81 20.17
N PRO C 254 21.54 -3.55 19.88
CA PRO C 254 21.81 -2.81 18.64
C PRO C 254 23.28 -2.84 18.24
#